data_7WMD
#
_entry.id   7WMD
#
_cell.length_a   110.539
_cell.length_b   90.536
_cell.length_c   57.294
_cell.angle_alpha   90.000
_cell.angle_beta   103.810
_cell.angle_gamma   90.000
#
_symmetry.space_group_name_H-M   'C 1 2 1'
#
loop_
_entity.id
_entity.type
_entity.pdbx_description
1 polymer 'PQQ-dependent alcohol dehydrogenase'
2 non-polymer 'CALCIUM ION'
3 water water
#
_entity_poly.entity_id   1
_entity_poly.type   'polypeptide(L)'
_entity_poly.pdbx_seq_one_letter_code
;MHADGAAAETAAPGQSAIENFQPVTAEDLAGGNAANWPILRGNYQGWGYTQLDQINKDNVGQLQLAWARTMEPGSNEGSA
IAYNGVVFLGNANDVVQAIDGKTGNLIWEYRRKLPPASKFINSLGAAKRSIALFGDKVYFVSWDNFVVALDAKTGKLAWE
TNRGQGVEEGVSNSSGPIVVDGVVIAGSTCQYSGFGCYVTGTDAESGEELWRNTFIPRPGEEGDDTWGGAPYENRWMTGA
WGQITYDPELDLVYYGSTGAGPASEVQRGTEGGTLAGTNTRFAVKPKTGEVVWKHQTLPRDNWDSECTFEMMVVSTTVNP
DAGADGMMSVGANVPRGETRKVLTGVPCKTGVAWQFDAETGDYFWSKATVEQNSIASIDDKGLVTVNEDMILKEPGKDYN
YCPTFLGGRDWPSAGYLPKSNLYVIPLSNACYDLKARTTEATPADVYNTDSTVKLAPGKTNMGRVDAIDVATGATKWSFE
TEAALYDPVMTTAGDLVFVGSTDRMFRALDAETGKEVWSTRLPGAISGYTTSYSIDGRQYVAVVAGGSLGTGFFKAAVPG
VDAVQGGNGIYVFALPEAK
;
_entity_poly.pdbx_strand_id   A
#
# COMPACT_ATOMS: atom_id res chain seq x y z
N ALA A 3 -3.97 2.66 44.31
CA ALA A 3 -4.73 2.41 45.46
C ALA A 3 -6.10 1.92 45.01
N ASP A 4 -6.16 0.63 44.69
CA ASP A 4 -7.42 -0.10 44.57
C ASP A 4 -7.64 -0.93 45.85
N GLY A 5 -7.20 -2.19 45.85
CA GLY A 5 -6.96 -2.88 47.10
C GLY A 5 -5.69 -2.37 47.78
N ALA A 6 -5.35 -3.00 48.91
CA ALA A 6 -4.12 -2.61 49.61
C ALA A 6 -2.87 -3.04 48.85
N ALA A 7 -2.99 -4.01 47.95
CA ALA A 7 -1.90 -4.43 47.09
C ALA A 7 -1.73 -3.46 45.92
N ALA A 8 -0.51 -3.42 45.39
CA ALA A 8 -0.23 -2.61 44.20
C ALA A 8 -0.61 -3.42 42.96
N GLU A 9 -1.74 -3.09 42.35
CA GLU A 9 -2.08 -3.67 41.07
C GLU A 9 -1.16 -3.07 40.00
N THR A 10 -0.56 -3.93 39.16
CA THR A 10 0.39 -3.49 38.16
C THR A 10 0.11 -4.18 36.83
N ALA A 11 0.65 -3.59 35.76
CA ALA A 11 0.61 -4.17 34.42
C ALA A 11 2.03 -4.00 33.88
N ALA A 12 2.89 -4.97 34.17
CA ALA A 12 4.28 -4.98 33.78
C ALA A 12 4.40 -4.82 32.26
N PRO A 13 4.94 -3.70 31.79
CA PRO A 13 5.01 -3.45 30.35
C PRO A 13 5.78 -4.53 29.63
N GLY A 14 5.15 -5.10 28.60
CA GLY A 14 5.73 -6.18 27.84
C GLY A 14 5.28 -7.56 28.27
N GLN A 15 4.76 -7.69 29.49
CA GLN A 15 4.33 -8.97 30.05
C GLN A 15 2.88 -8.91 30.54
N SER A 16 2.05 -8.09 29.91
CA SER A 16 0.69 -7.91 30.38
C SER A 16 -0.29 -8.37 29.31
N ALA A 17 -1.54 -8.44 29.70
CA ALA A 17 -2.61 -8.83 28.80
C ALA A 17 -3.52 -7.65 28.55
N ILE A 18 -4.12 -7.62 27.36
CA ILE A 18 -5.20 -6.69 27.10
C ILE A 18 -6.36 -7.02 28.04
N GLU A 19 -6.87 -6.00 28.72
CA GLU A 19 -7.90 -6.25 29.73
C GLU A 19 -9.19 -6.74 29.09
N ASN A 20 -9.63 -6.09 28.02
CA ASN A 20 -10.92 -6.39 27.39
C ASN A 20 -10.68 -6.42 25.88
N PHE A 21 -10.59 -7.62 25.31
CA PHE A 21 -10.44 -7.75 23.86
C PHE A 21 -11.73 -8.29 23.26
N GLN A 22 -12.33 -7.53 22.35
CA GLN A 22 -13.50 -8.04 21.67
C GLN A 22 -13.12 -8.57 20.29
N PRO A 23 -13.64 -9.73 19.91
CA PRO A 23 -13.24 -10.34 18.64
C PRO A 23 -13.57 -9.44 17.46
N VAL A 24 -12.62 -9.36 16.52
CA VAL A 24 -12.72 -8.47 15.37
C VAL A 24 -13.59 -9.11 14.30
N THR A 25 -14.52 -8.35 13.74
CA THR A 25 -15.47 -8.90 12.78
C THR A 25 -15.21 -8.39 11.37
N ALA A 26 -15.90 -9.04 10.42
CA ALA A 26 -15.98 -8.55 9.05
C ALA A 26 -16.44 -7.10 9.00
N GLU A 27 -17.40 -6.73 9.85
CA GLU A 27 -17.91 -5.37 9.85
C GLU A 27 -16.87 -4.37 10.35
N ASP A 28 -16.10 -4.76 11.37
CA ASP A 28 -14.97 -3.93 11.78
C ASP A 28 -14.02 -3.68 10.62
N LEU A 29 -13.62 -4.76 9.95
CA LEU A 29 -12.63 -4.67 8.90
C LEU A 29 -13.13 -3.91 7.69
N ALA A 30 -14.45 -3.86 7.49
CA ALA A 30 -15.04 -3.01 6.45
C ALA A 30 -15.12 -1.54 6.85
N GLY A 31 -14.56 -1.17 8.00
CA GLY A 31 -14.61 0.21 8.44
C GLY A 31 -15.82 0.57 9.28
N GLY A 32 -16.42 -0.41 9.95
CA GLY A 32 -17.68 -0.19 10.64
C GLY A 32 -17.59 0.65 11.90
N ASN A 33 -16.39 0.84 12.45
CA ASN A 33 -16.21 1.62 13.67
C ASN A 33 -15.15 2.70 13.42
N ALA A 34 -15.61 3.92 13.17
CA ALA A 34 -14.71 5.03 12.86
C ALA A 34 -13.63 5.23 13.92
N ALA A 35 -13.90 4.84 15.17
CA ALA A 35 -12.91 5.01 16.23
C ALA A 35 -11.66 4.14 16.04
N ASN A 36 -11.72 3.12 15.19
CA ASN A 36 -10.63 2.17 15.01
C ASN A 36 -10.01 2.26 13.63
N TRP A 37 -8.81 1.69 13.52
CA TRP A 37 -8.10 1.52 12.25
C TRP A 37 -7.58 0.09 12.22
N PRO A 38 -8.46 -0.89 11.99
CA PRO A 38 -8.14 -2.29 12.28
C PRO A 38 -7.48 -3.06 11.15
N ILE A 39 -7.10 -2.37 10.06
CA ILE A 39 -6.50 -3.00 8.88
C ILE A 39 -5.67 -1.91 8.21
N LEU A 40 -4.71 -2.34 7.37
CA LEU A 40 -3.67 -1.44 6.86
C LEU A 40 -4.24 -0.13 6.34
N ARG A 41 -5.28 -0.20 5.51
CA ARG A 41 -5.81 1.02 4.90
C ARG A 41 -7.11 1.48 5.54
N GLY A 42 -7.38 1.07 6.78
CA GLY A 42 -8.54 1.53 7.52
C GLY A 42 -9.77 0.72 7.23
N ASN A 43 -9.97 0.33 5.97
CA ASN A 43 -11.04 -0.59 5.62
C ASN A 43 -10.52 -1.60 4.61
N TYR A 44 -11.26 -2.71 4.48
CA TYR A 44 -11.00 -3.69 3.42
C TYR A 44 -10.80 -3.00 2.07
N GLN A 45 -11.59 -1.97 1.80
CA GLN A 45 -11.65 -1.41 0.46
C GLN A 45 -10.42 -0.59 0.10
N GLY A 46 -9.49 -0.38 1.03
CA GLY A 46 -8.24 0.25 0.71
C GLY A 46 -8.24 1.76 0.74
N TRP A 47 -9.16 2.38 1.46
CA TRP A 47 -9.35 3.82 1.32
C TRP A 47 -8.24 4.62 1.99
N GLY A 48 -7.57 4.08 3.01
CA GLY A 48 -6.60 4.86 3.75
C GLY A 48 -7.20 6.08 4.42
N TYR A 49 -8.47 6.01 4.80
CA TYR A 49 -9.27 7.13 5.23
C TYR A 49 -9.71 6.95 6.68
N THR A 50 -9.77 8.04 7.43
CA THR A 50 -10.47 8.00 8.71
C THR A 50 -11.66 8.95 8.65
N GLN A 51 -12.80 8.47 9.17
CA GLN A 51 -13.99 9.29 9.31
C GLN A 51 -13.88 10.26 10.49
N LEU A 52 -12.84 10.15 11.30
CA LEU A 52 -12.70 11.04 12.44
C LEU A 52 -12.38 12.45 11.97
N ASP A 53 -13.04 13.44 12.58
CA ASP A 53 -12.95 14.81 12.11
C ASP A 53 -12.74 15.79 13.25
N GLN A 54 -12.36 15.31 14.43
CA GLN A 54 -12.04 16.26 15.49
C GLN A 54 -10.87 17.14 15.06
N ILE A 55 -9.87 16.55 14.42
CA ILE A 55 -8.74 17.26 13.85
C ILE A 55 -9.15 17.69 12.45
N ASN A 56 -9.12 19.00 12.18
CA ASN A 56 -9.60 19.49 10.90
C ASN A 56 -8.73 20.64 10.43
N LYS A 57 -9.11 21.22 9.29
CA LYS A 57 -8.32 22.31 8.73
C LYS A 57 -8.18 23.49 9.69
N ASP A 58 -9.19 23.71 10.53
CA ASP A 58 -9.19 24.89 11.40
C ASP A 58 -8.28 24.73 12.62
N ASN A 59 -8.08 23.51 13.13
CA ASN A 59 -7.30 23.34 14.35
C ASN A 59 -6.03 22.49 14.18
N VAL A 60 -5.79 21.91 12.99
CA VAL A 60 -4.66 20.99 12.86
C VAL A 60 -3.33 21.69 13.15
N GLY A 61 -3.26 23.00 12.91
CA GLY A 61 -2.08 23.77 13.27
C GLY A 61 -1.70 23.66 14.73
N GLN A 62 -2.61 23.21 15.57
CA GLN A 62 -2.35 23.06 16.99
C GLN A 62 -1.90 21.66 17.38
N LEU A 63 -1.77 20.71 16.44
CA LEU A 63 -1.42 19.34 16.82
C LEU A 63 -0.14 19.29 17.61
N GLN A 64 -0.16 18.52 18.69
CA GLN A 64 1.03 18.31 19.49
C GLN A 64 1.34 16.82 19.58
N LEU A 65 2.54 16.52 20.06
CA LEU A 65 2.95 15.14 20.26
C LEU A 65 2.29 14.61 21.53
N ALA A 66 1.45 13.58 21.41
CA ALA A 66 0.88 12.98 22.60
C ALA A 66 1.87 11.98 23.19
N TRP A 67 2.30 11.01 22.40
CA TRP A 67 3.25 10.04 22.90
C TRP A 67 3.98 9.39 21.73
N ALA A 68 5.12 8.80 22.04
CA ALA A 68 5.87 8.03 21.05
C ALA A 68 6.50 6.84 21.75
N ARG A 69 7.01 5.89 20.97
CA ARG A 69 7.72 4.75 21.54
C ARG A 69 8.72 4.20 20.53
N THR A 70 9.92 3.89 21.02
CA THR A 70 10.97 3.38 20.17
C THR A 70 10.55 2.06 19.54
N MET A 71 10.96 1.84 18.30
CA MET A 71 10.72 0.58 17.62
C MET A 71 12.03 -0.10 17.25
N GLU A 72 11.92 -1.36 16.83
CA GLU A 72 13.10 -2.13 16.46
C GLU A 72 13.89 -1.41 15.37
N PRO A 73 15.22 -1.50 15.40
CA PRO A 73 16.02 -0.92 14.31
C PRO A 73 15.83 -1.69 13.01
N GLY A 74 16.16 -1.02 11.92
CA GLY A 74 16.00 -1.59 10.60
C GLY A 74 15.04 -0.77 9.76
N SER A 75 14.55 -1.34 8.67
CA SER A 75 13.63 -0.60 7.81
C SER A 75 12.28 -0.50 8.50
N ASN A 76 11.77 0.73 8.65
CA ASN A 76 10.57 0.98 9.45
C ASN A 76 9.45 1.46 8.54
N GLU A 77 8.76 0.52 7.91
CA GLU A 77 7.71 0.84 6.96
C GLU A 77 6.32 0.51 7.49
N GLY A 78 6.18 0.28 8.79
CA GLY A 78 5.01 -0.37 9.36
C GLY A 78 3.86 0.57 9.66
N SER A 79 2.91 0.05 10.42
CA SER A 79 1.63 0.71 10.60
C SER A 79 1.10 0.47 12.02
N ALA A 80 0.51 1.51 12.60
CA ALA A 80 -0.11 1.41 13.91
C ALA A 80 -1.56 0.94 13.72
N ILE A 81 -1.76 -0.38 13.70
CA ILE A 81 -3.12 -0.92 13.65
C ILE A 81 -3.79 -0.67 14.99
N ALA A 82 -4.95 -0.01 14.98
CA ALA A 82 -5.58 0.43 16.22
C ALA A 82 -6.97 -0.13 16.35
N TYR A 83 -7.29 -0.65 17.54
CA TYR A 83 -8.53 -1.38 17.75
C TYR A 83 -8.92 -1.27 19.23
N ASN A 84 -10.00 -0.52 19.49
CA ASN A 84 -10.56 -0.35 20.82
C ASN A 84 -9.49 0.02 21.85
N GLY A 85 -8.71 1.05 21.53
CA GLY A 85 -7.75 1.61 22.46
C GLY A 85 -6.41 0.92 22.55
N VAL A 86 -6.16 -0.08 21.71
CA VAL A 86 -4.87 -0.77 21.66
C VAL A 86 -4.28 -0.58 20.28
N VAL A 87 -2.98 -0.29 20.22
CA VAL A 87 -2.26 -0.24 18.96
C VAL A 87 -1.51 -1.55 18.80
N PHE A 88 -1.75 -2.23 17.68
CA PHE A 88 -1.01 -3.43 17.31
C PHE A 88 0.04 -3.06 16.27
N LEU A 89 1.32 -3.25 16.59
CA LEU A 89 2.39 -2.57 15.87
C LEU A 89 3.43 -3.58 15.40
N GLY A 90 3.45 -3.85 14.10
CA GLY A 90 4.52 -4.67 13.53
C GLY A 90 5.82 -3.90 13.42
N ASN A 91 6.85 -4.37 14.12
CA ASN A 91 8.21 -3.86 14.17
C ASN A 91 9.05 -4.60 13.12
N ALA A 92 10.22 -4.05 12.80
CA ALA A 92 11.17 -4.85 12.03
C ALA A 92 11.59 -6.05 12.85
N ASN A 93 12.16 -7.05 12.16
CA ASN A 93 12.71 -8.26 12.79
C ASN A 93 11.63 -9.12 13.45
N ASP A 94 10.40 -9.07 12.92
CA ASP A 94 9.31 -9.91 13.41
C ASP A 94 9.08 -9.72 14.90
N VAL A 95 9.11 -8.48 15.35
CA VAL A 95 8.68 -8.12 16.69
C VAL A 95 7.31 -7.48 16.54
N VAL A 96 6.35 -7.94 17.34
CA VAL A 96 4.97 -7.48 17.27
C VAL A 96 4.59 -7.03 18.67
N GLN A 97 4.08 -5.80 18.78
CA GLN A 97 3.73 -5.22 20.07
C GLN A 97 2.27 -4.82 20.14
N ALA A 98 1.70 -4.99 21.33
CA ALA A 98 0.42 -4.38 21.67
C ALA A 98 0.71 -3.23 22.62
N ILE A 99 0.22 -2.05 22.30
CA ILE A 99 0.53 -0.84 23.05
C ILE A 99 -0.77 -0.14 23.42
N ASP A 100 -0.82 0.41 24.63
CA ASP A 100 -1.99 1.19 25.03
C ASP A 100 -2.06 2.43 24.16
N GLY A 101 -3.16 2.59 23.41
CA GLY A 101 -3.23 3.63 22.40
C GLY A 101 -3.36 5.04 22.94
N LYS A 102 -3.71 5.17 24.22
CA LYS A 102 -3.82 6.45 24.90
C LYS A 102 -2.50 6.90 25.52
N THR A 103 -1.80 5.98 26.19
CA THR A 103 -0.64 6.34 27.00
C THR A 103 0.69 6.04 26.34
N GLY A 104 0.74 5.05 25.45
CA GLY A 104 2.01 4.56 24.93
C GLY A 104 2.68 3.51 25.78
N ASN A 105 2.02 3.01 26.83
CA ASN A 105 2.56 1.90 27.61
C ASN A 105 2.55 0.62 26.79
N LEU A 106 3.70 -0.04 26.70
CA LEU A 106 3.76 -1.37 26.10
C LEU A 106 2.92 -2.33 26.94
N ILE A 107 2.12 -3.16 26.27
CA ILE A 107 1.28 -4.15 26.97
C ILE A 107 1.95 -5.50 26.84
N TRP A 108 2.08 -6.00 25.61
CA TRP A 108 2.82 -7.22 25.38
C TRP A 108 3.70 -7.07 24.15
N GLU A 109 4.69 -7.96 24.05
CA GLU A 109 5.65 -7.94 22.97
C GLU A 109 5.97 -9.38 22.60
N TYR A 110 5.69 -9.75 21.37
CA TYR A 110 6.16 -11.02 20.80
C TYR A 110 7.44 -10.75 20.00
N ARG A 111 8.48 -11.54 20.25
CA ARG A 111 9.74 -11.45 19.51
C ARG A 111 10.06 -12.82 18.91
N ARG A 112 10.04 -12.90 17.58
CA ARG A 112 10.36 -14.15 16.91
C ARG A 112 11.87 -14.41 16.95
N LYS A 113 12.22 -15.70 16.96
CA LYS A 113 13.60 -16.18 17.02
C LYS A 113 14.29 -16.01 15.66
N ALA A 126 13.39 -7.93 7.57
CA ALA A 126 13.46 -6.53 7.93
C ALA A 126 12.05 -5.93 8.09
N ALA A 127 11.58 -5.25 7.04
CA ALA A 127 10.35 -4.47 7.13
C ALA A 127 9.13 -5.36 7.38
N LYS A 128 8.17 -4.82 8.13
CA LYS A 128 6.84 -5.40 8.25
C LYS A 128 5.83 -4.27 8.12
N ARG A 129 5.06 -4.28 7.03
CA ARG A 129 4.19 -3.14 6.81
C ARG A 129 2.91 -3.17 7.64
N SER A 130 2.47 -4.35 8.08
CA SER A 130 1.28 -4.41 8.92
C SER A 130 1.16 -5.82 9.50
N ILE A 131 0.45 -5.91 10.61
CA ILE A 131 -0.18 -7.13 10.99
C ILE A 131 -1.64 -7.06 10.56
N ALA A 132 -2.36 -8.16 10.71
CA ALA A 132 -3.77 -8.25 10.42
C ALA A 132 -4.52 -8.70 11.66
N LEU A 133 -5.78 -8.26 11.79
CA LEU A 133 -6.67 -8.68 12.87
C LEU A 133 -7.83 -9.48 12.30
N PHE A 134 -8.27 -10.48 13.07
CA PHE A 134 -9.54 -11.17 12.82
C PHE A 134 -9.87 -11.99 14.04
N GLY A 135 -11.15 -12.05 14.40
CA GLY A 135 -11.56 -12.77 15.59
C GLY A 135 -10.72 -12.40 16.79
N ASP A 136 -10.07 -13.39 17.40
CA ASP A 136 -9.29 -13.19 18.62
C ASP A 136 -7.79 -13.28 18.38
N LYS A 137 -7.31 -13.08 17.15
CA LYS A 137 -5.92 -13.33 16.86
C LYS A 137 -5.32 -12.18 16.07
N VAL A 138 -3.99 -12.07 16.18
CA VAL A 138 -3.14 -11.16 15.41
C VAL A 138 -2.38 -12.02 14.41
N TYR A 139 -2.32 -11.61 13.14
CA TYR A 139 -1.73 -12.41 12.07
C TYR A 139 -0.62 -11.67 11.33
N PHE A 140 0.42 -12.39 10.95
CA PHE A 140 1.46 -11.78 10.14
C PHE A 140 2.21 -12.87 9.39
N VAL A 141 3.00 -12.45 8.42
CA VAL A 141 3.88 -13.35 7.68
C VAL A 141 5.30 -13.04 8.10
N SER A 142 6.01 -14.06 8.58
CA SER A 142 7.33 -13.88 9.17
C SER A 142 8.42 -13.86 8.11
N TRP A 143 9.65 -13.57 8.58
CA TRP A 143 10.82 -13.54 7.72
C TRP A 143 11.10 -14.90 7.09
N ASP A 144 10.86 -15.97 7.84
CA ASP A 144 11.09 -17.32 7.34
C ASP A 144 9.85 -17.90 6.66
N ASN A 145 8.96 -17.04 6.17
CA ASN A 145 7.80 -17.45 5.35
C ASN A 145 6.86 -18.39 6.11
N PHE A 146 6.58 -18.08 7.36
CA PHE A 146 5.48 -18.69 8.10
C PHE A 146 4.30 -17.74 8.12
N VAL A 147 3.10 -18.28 7.97
CA VAL A 147 1.92 -17.54 8.37
C VAL A 147 1.77 -17.75 9.86
N VAL A 148 1.70 -16.66 10.63
CA VAL A 148 1.74 -16.76 12.08
C VAL A 148 0.49 -16.14 12.68
N ALA A 149 -0.07 -16.81 13.69
CA ALA A 149 -1.20 -16.31 14.45
C ALA A 149 -0.79 -16.21 15.92
N LEU A 150 -0.99 -15.03 16.50
CA LEU A 150 -0.76 -14.79 17.91
C LEU A 150 -2.10 -14.58 18.61
N ASP A 151 -2.19 -15.01 19.85
CA ASP A 151 -3.33 -14.62 20.66
C ASP A 151 -3.32 -13.11 20.83
N ALA A 152 -4.40 -12.44 20.37
CA ALA A 152 -4.46 -10.98 20.39
C ALA A 152 -4.34 -10.46 21.80
N LYS A 153 -4.89 -11.22 22.72
CA LYS A 153 -5.04 -10.71 24.05
C LYS A 153 -3.71 -10.73 24.79
N THR A 154 -2.86 -11.70 24.50
CA THR A 154 -1.64 -11.94 25.26
C THR A 154 -0.38 -11.92 24.44
N GLY A 155 -0.46 -11.98 23.11
CA GLY A 155 0.71 -12.04 22.27
C GLY A 155 1.38 -13.39 22.17
N LYS A 156 0.84 -14.41 22.84
CA LYS A 156 1.45 -15.74 22.78
C LYS A 156 1.16 -16.39 21.43
N LEU A 157 2.13 -17.13 20.93
CA LEU A 157 1.97 -17.81 19.65
C LEU A 157 0.78 -18.77 19.69
N ALA A 158 -0.18 -18.60 18.79
CA ALA A 158 -1.28 -19.55 18.68
C ALA A 158 -0.95 -20.67 17.69
N TRP A 159 -0.54 -20.33 16.48
CA TRP A 159 -0.11 -21.31 15.51
C TRP A 159 0.74 -20.61 14.46
N GLU A 160 1.54 -21.41 13.75
CA GLU A 160 2.34 -20.91 12.64
C GLU A 160 2.45 -22.02 11.61
N THR A 161 2.38 -21.65 10.34
CA THR A 161 2.37 -22.61 9.25
C THR A 161 3.46 -22.22 8.26
N ASN A 162 4.45 -23.10 8.11
CA ASN A 162 5.54 -22.85 7.18
C ASN A 162 5.05 -23.04 5.75
N ARG A 163 5.07 -21.97 4.97
CA ARG A 163 4.65 -22.06 3.57
C ARG A 163 5.73 -22.65 2.69
N GLY A 164 6.98 -22.62 3.13
CA GLY A 164 8.11 -23.05 2.33
C GLY A 164 9.25 -22.04 2.39
N ASN A 173 7.18 -12.39 3.18
CA ASN A 173 6.46 -11.16 2.89
C ASN A 173 7.03 -9.91 3.55
N SER A 174 6.45 -8.78 3.16
CA SER A 174 6.69 -7.52 3.84
C SER A 174 5.44 -6.68 4.03
N SER A 175 4.39 -6.84 3.21
CA SER A 175 3.18 -6.03 3.31
C SER A 175 2.15 -6.55 4.33
N GLY A 176 2.11 -7.84 4.61
CA GLY A 176 1.18 -8.31 5.61
C GLY A 176 -0.14 -8.78 5.02
N PRO A 177 -0.78 -9.74 5.69
CA PRO A 177 -2.01 -10.34 5.15
C PRO A 177 -3.23 -9.48 5.44
N ILE A 178 -4.35 -9.90 4.86
CA ILE A 178 -5.66 -9.53 5.36
C ILE A 178 -6.44 -10.81 5.63
N VAL A 179 -7.48 -10.70 6.45
CA VAL A 179 -8.30 -11.86 6.81
C VAL A 179 -9.73 -11.61 6.37
N VAL A 180 -10.29 -12.54 5.61
CA VAL A 180 -11.63 -12.42 5.07
C VAL A 180 -12.40 -13.65 5.52
N ASP A 181 -13.40 -13.45 6.37
CA ASP A 181 -14.31 -14.52 6.82
C ASP A 181 -13.53 -15.77 7.22
N GLY A 182 -12.54 -15.58 8.09
CA GLY A 182 -11.80 -16.71 8.58
C GLY A 182 -10.78 -17.29 7.63
N VAL A 183 -10.36 -16.54 6.61
CA VAL A 183 -9.32 -16.96 5.68
C VAL A 183 -8.24 -15.90 5.66
N VAL A 184 -7.06 -16.26 6.15
CA VAL A 184 -5.89 -15.39 6.09
C VAL A 184 -5.33 -15.43 4.67
N ILE A 185 -5.34 -14.29 4.00
CA ILE A 185 -4.83 -14.21 2.63
C ILE A 185 -3.53 -13.44 2.63
N ALA A 186 -2.49 -14.03 2.04
CA ALA A 186 -1.15 -13.50 2.12
C ALA A 186 -0.40 -13.79 0.83
N GLY A 187 0.22 -12.76 0.25
CA GLY A 187 1.09 -12.92 -0.90
C GLY A 187 2.47 -13.39 -0.51
N SER A 188 3.41 -13.24 -1.43
CA SER A 188 4.76 -13.74 -1.22
C SER A 188 5.77 -12.82 -1.89
N THR A 189 6.94 -12.70 -1.27
CA THR A 189 8.06 -11.98 -1.87
C THR A 189 8.81 -12.92 -2.80
N CYS A 190 9.02 -12.48 -4.03
CA CYS A 190 9.49 -13.33 -5.11
C CYS A 190 10.90 -12.87 -5.48
N GLN A 191 11.87 -13.79 -5.47
CA GLN A 191 13.27 -13.44 -5.70
C GLN A 191 14.09 -14.59 -6.28
N CYS A 197 6.59 -17.98 -5.96
CA CYS A 197 5.86 -16.72 -6.10
C CYS A 197 4.34 -16.98 -6.12
N TYR A 198 3.64 -16.71 -5.00
CA TYR A 198 2.27 -17.19 -4.90
C TYR A 198 1.48 -16.35 -3.90
N VAL A 199 0.17 -16.60 -3.87
CA VAL A 199 -0.72 -16.11 -2.81
C VAL A 199 -1.46 -17.30 -2.21
N THR A 200 -1.60 -17.33 -0.90
CA THR A 200 -2.25 -18.44 -0.22
C THR A 200 -3.42 -17.95 0.61
N GLY A 201 -4.38 -18.85 0.81
CA GLY A 201 -5.42 -18.69 1.82
C GLY A 201 -5.21 -19.75 2.88
N THR A 202 -5.34 -19.35 4.14
CA THR A 202 -5.03 -20.20 5.29
C THR A 202 -6.14 -20.05 6.31
N ASP A 203 -6.59 -21.17 6.88
CA ASP A 203 -7.67 -21.09 7.86
C ASP A 203 -7.22 -20.31 9.09
N ALA A 204 -8.02 -19.31 9.48
CA ALA A 204 -7.61 -18.39 10.54
C ALA A 204 -7.56 -19.05 11.92
N GLU A 205 -8.27 -20.17 12.11
CA GLU A 205 -8.29 -20.81 13.41
C GLU A 205 -7.41 -22.04 13.48
N SER A 206 -7.25 -22.76 12.38
CA SER A 206 -6.53 -24.02 12.40
C SER A 206 -5.12 -23.94 11.83
N GLY A 207 -4.80 -22.89 11.05
CA GLY A 207 -3.52 -22.80 10.38
C GLY A 207 -3.41 -23.59 9.10
N GLU A 208 -4.47 -24.30 8.72
CA GLU A 208 -4.42 -25.16 7.55
C GLU A 208 -4.44 -24.32 6.27
N GLU A 209 -3.48 -24.54 5.38
CA GLU A 209 -3.51 -23.85 4.10
C GLU A 209 -4.66 -24.38 3.25
N LEU A 210 -5.50 -23.47 2.75
CA LEU A 210 -6.69 -23.83 2.02
C LEU A 210 -6.49 -23.78 0.50
N TRP A 211 -5.70 -22.82 0.01
CA TRP A 211 -5.46 -22.73 -1.42
C TRP A 211 -4.19 -21.94 -1.65
N ARG A 212 -3.65 -22.06 -2.87
CA ARG A 212 -2.44 -21.36 -3.28
C ARG A 212 -2.58 -21.06 -4.75
N ASN A 213 -2.40 -19.79 -5.13
CA ASN A 213 -2.42 -19.37 -6.53
C ASN A 213 -1.03 -19.01 -7.00
N THR A 214 -0.65 -19.48 -8.18
CA THR A 214 0.59 -19.09 -8.84
C THR A 214 0.25 -18.34 -10.12
N PHE A 215 1.26 -17.75 -10.73
CA PHE A 215 1.03 -16.82 -11.82
C PHE A 215 1.64 -17.25 -13.15
N ILE A 216 2.76 -17.95 -13.14
CA ILE A 216 3.48 -18.26 -14.38
C ILE A 216 2.79 -19.41 -15.10
N PRO A 217 2.32 -19.20 -16.33
CA PRO A 217 1.67 -20.29 -17.05
C PRO A 217 2.66 -21.41 -17.36
N ARG A 218 2.24 -22.60 -17.15
CA ARG A 218 3.02 -23.74 -17.59
C ARG A 218 2.68 -24.06 -19.05
N PRO A 219 3.65 -24.55 -19.84
CA PRO A 219 3.33 -24.95 -21.22
C PRO A 219 2.10 -25.85 -21.26
N GLY A 220 1.07 -25.41 -21.99
CA GLY A 220 -0.22 -26.05 -21.94
C GLY A 220 -1.33 -25.10 -21.52
N GLU A 221 -1.04 -24.23 -20.54
CA GLU A 221 -2.02 -23.26 -20.08
C GLU A 221 -2.03 -22.04 -20.98
N GLU A 222 -3.14 -21.31 -20.97
CA GLU A 222 -3.25 -20.11 -21.78
C GLU A 222 -2.18 -19.12 -21.33
N GLY A 223 -1.51 -18.50 -22.32
CA GLY A 223 -0.49 -17.50 -22.06
C GLY A 223 0.94 -17.99 -22.10
N ASP A 224 1.16 -19.32 -22.16
CA ASP A 224 2.54 -19.81 -22.17
C ASP A 224 3.30 -19.28 -23.37
N ASP A 225 2.62 -19.01 -24.48
CA ASP A 225 3.28 -18.49 -25.68
C ASP A 225 3.68 -17.03 -25.54
N THR A 226 3.34 -16.35 -24.45
CA THR A 226 3.73 -14.96 -24.28
C THR A 226 5.07 -14.82 -23.57
N TRP A 227 5.80 -15.91 -23.35
CA TRP A 227 7.07 -15.88 -22.62
C TRP A 227 8.27 -16.05 -23.54
N GLY A 228 8.13 -15.72 -24.83
CA GLY A 228 9.25 -15.66 -25.74
C GLY A 228 10.02 -16.96 -25.93
N GLY A 229 9.40 -18.10 -25.63
CA GLY A 229 10.11 -19.35 -25.72
C GLY A 229 10.99 -19.69 -24.55
N ALA A 230 10.97 -18.90 -23.47
CA ALA A 230 11.79 -19.22 -22.31
C ALA A 230 11.26 -20.48 -21.62
N PRO A 231 12.11 -21.45 -21.30
CA PRO A 231 11.63 -22.67 -20.65
C PRO A 231 11.04 -22.35 -19.28
N TYR A 232 9.97 -23.05 -18.92
CA TYR A 232 9.30 -22.78 -17.67
C TYR A 232 10.28 -22.72 -16.50
N GLU A 233 11.14 -23.74 -16.38
CA GLU A 233 12.06 -23.82 -15.25
C GLU A 233 13.04 -22.65 -15.18
N ASN A 234 13.11 -21.81 -16.21
CA ASN A 234 13.98 -20.64 -16.18
C ASN A 234 13.20 -19.35 -15.97
N ARG A 235 11.88 -19.42 -15.81
CA ARG A 235 11.09 -18.22 -15.57
C ARG A 235 10.95 -17.99 -14.08
N TRP A 236 11.11 -16.74 -13.67
CA TRP A 236 10.84 -16.43 -12.28
C TRP A 236 10.35 -15.00 -12.19
N MET A 237 9.59 -14.74 -11.14
CA MET A 237 9.11 -13.39 -10.87
C MET A 237 9.85 -12.83 -9.68
N THR A 238 9.87 -11.50 -9.62
CA THR A 238 10.65 -10.83 -8.61
C THR A 238 9.94 -9.54 -8.23
N GLY A 239 9.88 -9.29 -6.94
CA GLY A 239 9.18 -8.15 -6.40
C GLY A 239 8.57 -8.45 -5.05
N ALA A 240 8.58 -7.46 -4.16
CA ALA A 240 7.84 -7.60 -2.92
C ALA A 240 6.34 -7.67 -3.24
N TRP A 241 5.61 -8.41 -2.43
CA TRP A 241 4.20 -8.55 -2.75
C TRP A 241 3.45 -7.41 -2.11
N GLY A 242 2.34 -7.02 -2.74
CA GLY A 242 1.71 -5.75 -2.46
C GLY A 242 0.55 -5.86 -1.50
N GLN A 243 -0.29 -4.84 -1.53
CA GLN A 243 -1.39 -4.71 -0.57
C GLN A 243 -2.64 -5.35 -1.14
N ILE A 244 -3.25 -6.24 -0.37
CA ILE A 244 -4.50 -6.88 -0.77
C ILE A 244 -5.66 -6.02 -0.30
N THR A 245 -6.67 -5.87 -1.16
CA THR A 245 -7.93 -5.22 -0.82
C THR A 245 -9.10 -6.15 -1.11
N TYR A 246 -10.30 -5.73 -0.68
CA TYR A 246 -11.45 -6.63 -0.65
C TYR A 246 -12.75 -5.84 -0.70
N ASP A 247 -13.72 -6.35 -1.46
CA ASP A 247 -15.08 -5.82 -1.36
C ASP A 247 -16.01 -6.86 -0.75
N PRO A 248 -16.61 -6.55 0.40
CA PRO A 248 -17.50 -7.54 1.04
C PRO A 248 -18.71 -7.92 0.21
N GLU A 249 -19.42 -6.95 -0.38
CA GLU A 249 -20.67 -7.28 -1.06
C GLU A 249 -20.44 -8.16 -2.28
N LEU A 250 -19.44 -7.82 -3.10
CA LEU A 250 -19.07 -8.67 -4.21
C LEU A 250 -18.33 -9.91 -3.76
N ASP A 251 -17.77 -9.87 -2.55
CA ASP A 251 -16.96 -10.97 -2.01
C ASP A 251 -15.81 -11.29 -2.96
N LEU A 252 -15.08 -10.25 -3.34
CA LEU A 252 -13.93 -10.34 -4.24
C LEU A 252 -12.69 -9.75 -3.57
N VAL A 253 -11.65 -10.54 -3.53
CA VAL A 253 -10.32 -10.11 -3.10
C VAL A 253 -9.56 -9.63 -4.32
N TYR A 254 -8.83 -8.53 -4.19
CA TYR A 254 -8.04 -7.94 -5.27
C TYR A 254 -6.57 -7.85 -4.89
N TYR A 255 -5.71 -8.40 -5.74
CA TYR A 255 -4.26 -8.21 -5.62
C TYR A 255 -3.66 -8.14 -7.02
N GLY A 256 -2.39 -7.78 -7.08
CA GLY A 256 -1.69 -7.70 -8.34
C GLY A 256 -0.41 -8.51 -8.28
N SER A 257 -0.03 -9.08 -9.44
CA SER A 257 1.24 -9.80 -9.50
C SER A 257 2.35 -8.88 -10.00
N THR A 258 3.59 -9.29 -9.74
CA THR A 258 4.75 -8.50 -10.10
C THR A 258 5.29 -8.94 -11.47
N GLY A 259 6.41 -8.33 -11.89
CA GLY A 259 7.01 -8.66 -13.17
C GLY A 259 7.95 -9.85 -13.10
N ALA A 260 8.51 -10.20 -14.26
CA ALA A 260 9.46 -11.30 -14.35
C ALA A 260 10.89 -10.78 -14.18
N GLY A 261 11.75 -11.65 -13.64
CA GLY A 261 13.14 -11.30 -13.43
C GLY A 261 14.11 -12.13 -14.27
N PRO A 262 15.30 -11.57 -14.56
CA PRO A 262 15.68 -10.18 -14.29
C PRO A 262 14.91 -9.21 -15.18
N ALA A 263 15.12 -7.91 -14.99
CA ALA A 263 14.26 -6.91 -15.61
C ALA A 263 14.42 -6.88 -17.12
N SER A 264 15.61 -7.16 -17.63
CA SER A 264 15.88 -7.12 -19.06
C SER A 264 15.33 -8.36 -19.77
N GLU A 265 14.47 -8.16 -20.76
CA GLU A 265 13.92 -9.30 -21.48
C GLU A 265 14.99 -10.04 -22.28
N VAL A 266 16.07 -9.36 -22.66
CA VAL A 266 17.19 -10.06 -23.28
C VAL A 266 17.85 -11.02 -22.30
N GLN A 267 18.10 -10.56 -21.07
CA GLN A 267 18.68 -11.45 -20.07
C GLN A 267 17.72 -12.56 -19.65
N ARG A 268 16.42 -12.28 -19.70
CA ARG A 268 15.40 -13.28 -19.39
C ARG A 268 15.23 -14.31 -20.48
N GLY A 269 15.70 -14.01 -21.69
CA GLY A 269 15.34 -14.80 -22.85
C GLY A 269 13.88 -14.73 -23.25
N THR A 270 13.19 -13.62 -22.97
CA THR A 270 11.78 -13.50 -23.32
C THR A 270 11.53 -12.37 -24.31
N GLU A 271 12.47 -12.16 -25.24
CA GLU A 271 12.35 -11.07 -26.22
C GLU A 271 10.99 -11.07 -26.90
N GLY A 272 10.35 -9.90 -26.93
CA GLY A 272 9.04 -9.77 -27.51
C GLY A 272 7.89 -10.29 -26.66
N GLY A 273 8.18 -10.92 -25.52
CA GLY A 273 7.15 -11.60 -24.76
C GLY A 273 6.39 -10.67 -23.83
N THR A 274 5.07 -10.75 -23.87
CA THR A 274 4.25 -9.90 -23.02
C THR A 274 4.04 -10.48 -21.62
N LEU A 275 4.39 -11.76 -21.41
CA LEU A 275 4.53 -12.39 -20.10
C LEU A 275 3.21 -12.52 -19.33
N ALA A 276 2.25 -13.25 -19.90
CA ALA A 276 0.98 -13.43 -19.22
C ALA A 276 1.20 -13.97 -17.81
N GLY A 277 0.35 -13.53 -16.88
CA GLY A 277 0.54 -13.80 -15.47
C GLY A 277 1.28 -12.72 -14.71
N THR A 278 2.22 -12.02 -15.35
CA THR A 278 2.96 -10.96 -14.69
C THR A 278 2.17 -9.65 -14.69
N ASN A 279 2.47 -8.82 -13.69
CA ASN A 279 1.93 -7.45 -13.60
C ASN A 279 0.44 -7.43 -13.95
N THR A 280 -0.31 -8.34 -13.31
CA THR A 280 -1.71 -8.55 -13.62
C THR A 280 -2.54 -8.33 -12.37
N ARG A 281 -3.66 -7.62 -12.54
CA ARG A 281 -4.58 -7.35 -11.45
C ARG A 281 -5.66 -8.44 -11.46
N PHE A 282 -5.72 -9.19 -10.37
CA PHE A 282 -6.65 -10.30 -10.21
C PHE A 282 -7.75 -9.96 -9.22
N ALA A 283 -8.95 -10.45 -9.51
CA ALA A 283 -10.09 -10.43 -8.58
C ALA A 283 -10.45 -11.87 -8.29
N VAL A 284 -10.35 -12.29 -7.03
CA VAL A 284 -10.46 -13.71 -6.71
C VAL A 284 -11.43 -13.91 -5.54
N LYS A 285 -12.00 -15.13 -5.47
CA LYS A 285 -12.88 -15.53 -4.38
C LYS A 285 -12.05 -15.91 -3.16
N PRO A 286 -12.34 -15.36 -1.98
CA PRO A 286 -11.44 -15.57 -0.84
C PRO A 286 -11.46 -17.00 -0.29
N LYS A 287 -12.59 -17.71 -0.40
CA LYS A 287 -12.61 -19.05 0.16
C LYS A 287 -11.78 -20.04 -0.66
N THR A 288 -11.56 -19.77 -1.96
CA THR A 288 -10.99 -20.79 -2.83
C THR A 288 -9.81 -20.31 -3.68
N GLY A 289 -9.57 -19.01 -3.78
CA GLY A 289 -8.59 -18.50 -4.70
C GLY A 289 -9.01 -18.48 -6.14
N GLU A 290 -10.27 -18.85 -6.44
CA GLU A 290 -10.74 -18.87 -7.82
C GLU A 290 -10.71 -17.47 -8.41
N VAL A 291 -10.15 -17.35 -9.62
CA VAL A 291 -10.02 -16.08 -10.31
C VAL A 291 -11.33 -15.75 -11.02
N VAL A 292 -11.89 -14.59 -10.73
CA VAL A 292 -13.13 -14.14 -11.36
C VAL A 292 -12.86 -13.26 -12.58
N TRP A 293 -11.97 -12.30 -12.45
CA TRP A 293 -11.53 -11.52 -13.60
C TRP A 293 -10.11 -11.07 -13.34
N LYS A 294 -9.42 -10.70 -14.43
CA LYS A 294 -8.03 -10.29 -14.37
C LYS A 294 -7.78 -9.31 -15.49
N HIS A 295 -6.73 -8.50 -15.34
CA HIS A 295 -6.33 -7.56 -16.37
C HIS A 295 -4.86 -7.23 -16.20
N GLN A 296 -4.06 -7.44 -17.25
CA GLN A 296 -2.64 -7.14 -17.19
C GLN A 296 -2.44 -5.65 -17.39
N THR A 297 -2.04 -4.95 -16.33
CA THR A 297 -1.83 -3.51 -16.41
C THR A 297 -0.44 -3.13 -16.93
N LEU A 298 0.49 -4.09 -17.05
CA LEU A 298 1.76 -3.77 -17.71
C LEU A 298 2.43 -5.01 -18.30
N PRO A 299 2.08 -5.38 -19.53
CA PRO A 299 2.80 -6.47 -20.19
C PRO A 299 4.24 -6.10 -20.46
N ARG A 300 5.05 -7.13 -20.73
CA ARG A 300 6.40 -6.95 -21.28
C ARG A 300 7.25 -6.03 -20.40
N ASP A 301 7.13 -6.21 -19.08
CA ASP A 301 7.81 -5.33 -18.13
C ASP A 301 9.32 -5.49 -18.26
N ASN A 302 9.99 -4.38 -18.54
CA ASN A 302 11.44 -4.31 -18.59
C ASN A 302 12.00 -3.32 -17.56
N TRP A 303 11.20 -2.92 -16.59
CA TRP A 303 11.48 -1.73 -15.78
C TRP A 303 11.16 -1.95 -14.30
N ASP A 304 11.00 -3.20 -13.87
CA ASP A 304 10.72 -3.51 -12.48
C ASP A 304 9.52 -2.71 -11.99
N SER A 305 8.42 -2.78 -12.76
CA SER A 305 7.28 -1.91 -12.52
C SER A 305 6.37 -2.40 -11.40
N GLU A 306 6.46 -3.67 -10.99
CA GLU A 306 5.75 -4.22 -9.84
C GLU A 306 4.31 -3.71 -9.71
N CYS A 307 3.39 -4.22 -10.52
CA CYS A 307 2.01 -3.76 -10.50
C CYS A 307 1.23 -4.41 -9.36
N THR A 308 1.79 -4.37 -8.15
CA THR A 308 1.23 -5.11 -7.02
C THR A 308 0.63 -4.20 -5.95
N PHE A 309 0.52 -2.90 -6.20
CA PHE A 309 0.14 -1.98 -5.14
C PHE A 309 -1.38 -1.94 -4.98
N GLU A 310 -1.84 -1.28 -3.90
CA GLU A 310 -3.25 -1.36 -3.56
C GLU A 310 -4.11 -0.65 -4.63
N MET A 311 -5.25 -1.27 -4.92
CA MET A 311 -6.32 -0.70 -5.74
C MET A 311 -7.57 -0.63 -4.89
N MET A 312 -8.26 0.51 -4.93
CA MET A 312 -9.36 0.80 -4.02
C MET A 312 -10.70 0.41 -4.62
N VAL A 313 -11.65 0.05 -3.76
CA VAL A 313 -13.03 -0.15 -4.18
C VAL A 313 -13.83 1.06 -3.76
N VAL A 314 -14.39 1.79 -4.73
CA VAL A 314 -15.13 3.00 -4.44
C VAL A 314 -16.34 3.02 -5.37
N SER A 315 -17.36 3.73 -4.96
N SER A 315 -17.37 3.72 -4.95
CA SER A 315 -18.53 3.96 -5.80
CA SER A 315 -18.54 3.95 -5.80
C SER A 315 -18.48 5.39 -6.33
C SER A 315 -18.49 5.38 -6.33
N THR A 316 -18.72 5.54 -7.63
CA THR A 316 -18.58 6.83 -8.27
C THR A 316 -19.48 6.90 -9.49
N THR A 317 -19.87 8.12 -9.82
CA THR A 317 -20.33 8.42 -11.17
C THR A 317 -19.17 8.21 -12.14
N VAL A 318 -19.46 7.55 -13.26
CA VAL A 318 -18.46 7.19 -14.26
C VAL A 318 -18.50 8.25 -15.35
N ASN A 319 -17.53 9.17 -15.34
CA ASN A 319 -17.58 10.27 -16.31
C ASN A 319 -16.21 10.71 -16.78
N PRO A 320 -15.40 9.80 -17.32
CA PRO A 320 -14.00 10.15 -17.65
C PRO A 320 -13.94 11.26 -18.68
N ASP A 321 -13.02 12.19 -18.46
CA ASP A 321 -12.78 13.29 -19.39
C ASP A 321 -11.66 12.88 -20.33
N ALA A 322 -12.01 12.60 -21.59
CA ALA A 322 -11.00 12.17 -22.56
C ALA A 322 -9.90 13.20 -22.73
N GLY A 323 -10.20 14.46 -22.49
CA GLY A 323 -9.22 15.52 -22.60
C GLY A 323 -8.51 15.84 -21.31
N ALA A 324 -8.67 15.01 -20.28
CA ALA A 324 -8.00 15.29 -19.02
C ALA A 324 -6.50 15.08 -19.17
N ASP A 325 -5.73 15.85 -18.41
CA ASP A 325 -4.28 15.74 -18.39
C ASP A 325 -3.84 14.30 -18.15
N GLY A 326 -3.04 13.77 -19.07
CA GLY A 326 -2.49 12.43 -18.91
C GLY A 326 -3.41 11.30 -19.28
N MET A 327 -4.66 11.57 -19.65
CA MET A 327 -5.57 10.45 -19.94
C MET A 327 -5.03 9.63 -21.11
N MET A 328 -5.02 8.31 -20.93
CA MET A 328 -4.44 7.44 -21.95
C MET A 328 -5.48 6.96 -22.94
N SER A 329 -6.66 6.62 -22.45
CA SER A 329 -7.76 6.19 -23.27
C SER A 329 -8.97 6.06 -22.36
N VAL A 330 -10.13 6.08 -22.99
CA VAL A 330 -11.40 5.85 -22.34
C VAL A 330 -11.98 4.57 -22.92
N GLY A 331 -12.54 3.72 -22.07
CA GLY A 331 -13.04 2.45 -22.53
C GLY A 331 -14.14 2.62 -23.56
N ALA A 332 -14.16 1.69 -24.53
CA ALA A 332 -15.03 1.84 -25.71
C ALA A 332 -16.50 2.00 -25.33
N ASN A 333 -16.97 1.20 -24.39
CA ASN A 333 -18.38 1.28 -24.02
C ASN A 333 -18.53 1.67 -22.55
N VAL A 334 -17.79 2.70 -22.14
CA VAL A 334 -17.80 3.10 -20.73
C VAL A 334 -19.21 3.52 -20.33
N PRO A 335 -19.71 3.14 -19.14
CA PRO A 335 -21.11 3.47 -18.77
C PRO A 335 -21.29 4.91 -18.31
N ARG A 336 -21.08 5.86 -19.23
CA ARG A 336 -20.99 7.27 -18.85
C ARG A 336 -22.26 7.73 -18.16
N GLY A 337 -22.09 8.45 -17.05
CA GLY A 337 -23.20 8.98 -16.28
C GLY A 337 -23.79 8.03 -15.26
N GLU A 338 -23.48 6.74 -15.34
CA GLU A 338 -23.99 5.77 -14.38
C GLU A 338 -23.12 5.74 -13.12
N THR A 339 -23.71 5.28 -12.03
CA THR A 339 -22.96 5.04 -10.81
C THR A 339 -22.46 3.60 -10.80
N ARG A 340 -21.16 3.42 -10.54
CA ARG A 340 -20.60 2.08 -10.53
C ARG A 340 -19.65 1.91 -9.36
N LYS A 341 -19.69 0.73 -8.76
CA LYS A 341 -18.62 0.31 -7.86
C LYS A 341 -17.41 -0.05 -8.71
N VAL A 342 -16.30 0.65 -8.49
CA VAL A 342 -15.13 0.49 -9.34
C VAL A 342 -13.94 0.04 -8.51
N LEU A 343 -13.00 -0.63 -9.18
CA LEU A 343 -11.66 -0.85 -8.66
C LEU A 343 -10.73 0.18 -9.32
N THR A 344 -10.10 1.03 -8.52
CA THR A 344 -9.45 2.18 -9.13
C THR A 344 -8.21 2.56 -8.35
N GLY A 345 -7.27 3.20 -9.06
CA GLY A 345 -6.03 3.63 -8.46
C GLY A 345 -4.86 3.31 -9.39
N VAL A 346 -3.66 3.55 -8.87
CA VAL A 346 -2.42 3.39 -9.61
C VAL A 346 -1.79 2.07 -9.18
N PRO A 347 -1.75 1.03 -10.05
CA PRO A 347 -1.26 -0.29 -9.60
C PRO A 347 0.23 -0.52 -9.73
N CYS A 348 0.92 0.28 -10.54
CA CYS A 348 2.32 0.03 -10.92
C CYS A 348 3.15 1.25 -10.60
N LYS A 349 4.47 1.07 -10.53
CA LYS A 349 5.38 2.20 -10.31
C LYS A 349 5.24 3.25 -11.40
N THR A 350 4.80 2.83 -12.58
CA THR A 350 4.67 3.68 -13.76
C THR A 350 3.87 4.93 -13.47
N GLY A 351 2.96 4.87 -12.49
CA GLY A 351 2.18 6.03 -12.17
C GLY A 351 0.89 6.19 -12.94
N VAL A 352 0.50 5.21 -13.73
CA VAL A 352 -0.76 5.28 -14.49
C VAL A 352 -1.90 4.79 -13.59
N ALA A 353 -2.89 5.65 -13.39
CA ALA A 353 -4.11 5.29 -12.68
C ALA A 353 -5.04 4.55 -13.61
N TRP A 354 -5.73 3.55 -13.09
CA TRP A 354 -6.69 2.74 -13.84
C TRP A 354 -8.04 2.78 -13.14
N GLN A 355 -9.10 2.54 -13.92
CA GLN A 355 -10.42 2.32 -13.34
C GLN A 355 -11.08 1.18 -14.09
N PHE A 356 -11.57 0.19 -13.32
CA PHE A 356 -12.29 -0.96 -13.82
C PHE A 356 -13.63 -1.06 -13.12
N ASP A 357 -14.59 -1.71 -13.77
CA ASP A 357 -15.74 -2.19 -13.04
C ASP A 357 -15.29 -3.23 -12.02
N ALA A 358 -15.64 -3.03 -10.75
CA ALA A 358 -15.13 -3.89 -9.70
C ALA A 358 -15.62 -5.33 -9.84
N GLU A 359 -16.85 -5.51 -10.30
CA GLU A 359 -17.45 -6.85 -10.38
C GLU A 359 -17.01 -7.59 -11.63
N THR A 360 -16.88 -6.89 -12.75
CA THR A 360 -16.67 -7.52 -14.03
C THR A 360 -15.28 -7.29 -14.61
N GLY A 361 -14.57 -6.27 -14.17
CA GLY A 361 -13.29 -5.95 -14.76
C GLY A 361 -13.36 -5.18 -16.06
N ASP A 362 -14.55 -4.75 -16.49
CA ASP A 362 -14.66 -3.89 -17.67
C ASP A 362 -13.78 -2.65 -17.52
N TYR A 363 -13.03 -2.34 -18.56
CA TYR A 363 -12.07 -1.23 -18.52
C TYR A 363 -12.77 0.11 -18.75
N PHE A 364 -12.63 1.03 -17.80
CA PHE A 364 -13.25 2.35 -17.89
C PHE A 364 -12.31 3.43 -18.38
N TRP A 365 -11.10 3.54 -17.80
CA TRP A 365 -10.14 4.53 -18.28
C TRP A 365 -8.80 4.34 -17.58
N SER A 366 -7.79 5.07 -18.07
CA SER A 366 -6.46 5.09 -17.47
C SER A 366 -5.80 6.43 -17.77
N LYS A 367 -4.90 6.84 -16.86
CA LYS A 367 -4.40 8.22 -16.81
C LYS A 367 -2.99 8.25 -16.25
N ALA A 368 -2.01 8.74 -17.03
CA ALA A 368 -0.67 8.95 -16.51
C ALA A 368 -0.62 10.10 -15.51
N THR A 369 0.28 9.99 -14.52
CA THR A 369 0.50 11.07 -13.56
C THR A 369 1.90 11.60 -13.80
N VAL A 370 2.93 11.07 -13.13
CA VAL A 370 4.33 11.50 -13.38
C VAL A 370 4.70 11.26 -14.84
N GLU A 371 5.77 11.93 -15.27
CA GLU A 371 6.41 11.60 -16.54
C GLU A 371 6.77 10.12 -16.59
N GLN A 372 6.35 9.47 -17.66
CA GLN A 372 6.62 8.05 -17.88
C GLN A 372 6.82 7.83 -19.37
N ASN A 373 7.73 6.90 -19.71
CA ASN A 373 7.91 6.56 -21.11
C ASN A 373 8.08 5.05 -21.34
N SER A 374 7.58 4.20 -20.45
CA SER A 374 7.55 2.79 -20.77
C SER A 374 6.26 2.37 -21.44
N ILE A 375 5.20 3.16 -21.31
CA ILE A 375 3.94 2.86 -21.97
C ILE A 375 3.80 3.82 -23.12
N ALA A 376 3.83 3.29 -24.35
CA ALA A 376 3.60 4.14 -25.50
C ALA A 376 2.10 4.42 -25.70
N SER A 377 1.24 3.44 -25.42
CA SER A 377 -0.20 3.72 -25.52
C SER A 377 -1.00 2.65 -24.79
N ILE A 378 -2.27 2.96 -24.59
CA ILE A 378 -3.26 2.03 -24.06
C ILE A 378 -4.51 2.23 -24.90
N ASP A 379 -5.02 1.15 -25.50
CA ASP A 379 -6.15 1.27 -26.41
C ASP A 379 -7.47 1.30 -25.63
N ASP A 380 -8.61 1.31 -26.34
CA ASP A 380 -9.87 1.52 -25.66
C ASP A 380 -10.45 0.24 -25.04
N LYS A 381 -9.71 -0.87 -25.06
CA LYS A 381 -10.03 -2.02 -24.24
C LYS A 381 -9.01 -2.22 -23.12
N GLY A 382 -8.13 -1.25 -22.90
CA GLY A 382 -7.16 -1.37 -21.83
C GLY A 382 -5.94 -2.20 -22.17
N LEU A 383 -5.70 -2.48 -23.45
CA LEU A 383 -4.50 -3.21 -23.83
C LEU A 383 -3.32 -2.24 -23.86
N VAL A 384 -2.28 -2.54 -23.10
CA VAL A 384 -1.10 -1.68 -23.00
C VAL A 384 -0.14 -2.06 -24.13
N THR A 385 0.38 -1.06 -24.83
CA THR A 385 1.52 -1.23 -25.73
C THR A 385 2.71 -0.53 -25.11
N VAL A 386 3.80 -1.26 -24.87
CA VAL A 386 4.99 -0.67 -24.25
C VAL A 386 5.83 0.03 -25.32
N ASN A 387 6.65 0.97 -24.85
CA ASN A 387 7.57 1.73 -25.68
C ASN A 387 8.81 0.88 -25.99
N GLU A 388 8.91 0.39 -27.23
CA GLU A 388 10.05 -0.43 -27.64
C GLU A 388 11.38 0.30 -27.46
N ASP A 389 11.37 1.64 -27.54
CA ASP A 389 12.61 2.38 -27.43
C ASP A 389 13.17 2.36 -26.01
N MET A 390 12.37 1.99 -25.01
CA MET A 390 12.90 1.85 -23.66
C MET A 390 13.25 0.42 -23.28
N ILE A 391 13.40 -0.47 -24.24
CA ILE A 391 13.86 -1.82 -23.99
C ILE A 391 15.34 -1.88 -24.33
N LEU A 392 16.14 -2.42 -23.41
CA LEU A 392 17.58 -2.50 -23.62
C LEU A 392 17.89 -3.46 -24.76
N LYS A 393 18.49 -2.93 -25.83
CA LYS A 393 18.93 -3.74 -26.95
C LYS A 393 20.38 -3.42 -27.28
N GLU A 394 20.64 -2.23 -27.78
CA GLU A 394 22.00 -1.77 -28.04
C GLU A 394 22.65 -1.31 -26.74
N PRO A 395 23.78 -1.88 -26.32
CA PRO A 395 24.42 -1.39 -25.08
C PRO A 395 25.01 0.00 -25.19
N GLY A 396 25.36 0.49 -26.38
CA GLY A 396 25.89 1.83 -26.48
C GLY A 396 24.84 2.92 -26.68
N LYS A 397 23.56 2.56 -26.67
CA LYS A 397 22.53 3.58 -26.81
C LYS A 397 22.15 4.15 -25.42
N ASP A 398 21.63 5.39 -25.40
CA ASP A 398 21.23 6.00 -24.13
C ASP A 398 19.75 5.75 -23.89
N TYR A 399 19.40 5.17 -22.75
CA TYR A 399 18.03 4.78 -22.40
C TYR A 399 17.53 5.60 -21.21
N ASN A 400 16.90 6.74 -21.50
CA ASN A 400 16.52 7.69 -20.45
C ASN A 400 15.09 7.37 -20.03
N TYR A 401 14.96 6.44 -19.10
CA TYR A 401 13.65 5.96 -18.67
C TYR A 401 13.07 6.87 -17.60
N CYS A 402 11.75 7.09 -17.68
CA CYS A 402 10.94 7.67 -16.63
C CYS A 402 9.77 6.72 -16.35
N PRO A 403 9.41 6.47 -15.08
CA PRO A 403 10.06 6.98 -13.87
C PRO A 403 11.29 6.16 -13.46
N THR A 404 11.24 5.47 -12.31
CA THR A 404 12.39 4.73 -11.81
C THR A 404 11.90 3.44 -11.14
N PHE A 405 12.87 2.64 -10.67
CA PHE A 405 12.56 1.47 -9.86
C PHE A 405 11.97 1.85 -8.51
N LEU A 406 11.95 3.14 -8.19
CA LEU A 406 11.25 3.67 -7.02
C LEU A 406 9.97 4.41 -7.41
N GLY A 407 9.58 4.38 -8.67
CA GLY A 407 8.50 5.23 -9.14
C GLY A 407 8.99 6.66 -9.32
N GLY A 408 8.06 7.57 -9.65
CA GLY A 408 6.66 7.26 -9.86
C GLY A 408 5.96 7.02 -8.53
N ARG A 409 5.10 6.02 -8.46
CA ARG A 409 4.66 5.53 -7.16
C ARG A 409 5.48 4.31 -6.77
N ASP A 410 5.30 3.88 -5.53
CA ASP A 410 5.84 2.62 -5.10
C ASP A 410 4.85 2.05 -4.08
N TRP A 411 5.31 1.18 -3.22
CA TRP A 411 4.41 0.65 -2.19
C TRP A 411 3.72 1.73 -1.31
N PRO A 412 4.30 2.92 -1.04
CA PRO A 412 3.58 3.89 -0.19
C PRO A 412 2.20 4.24 -0.74
N SER A 413 1.17 4.01 0.09
CA SER A 413 -0.20 3.89 -0.37
C SER A 413 -0.90 5.23 -0.60
N ALA A 414 -1.85 5.19 -1.53
CA ALA A 414 -2.75 6.30 -1.78
C ALA A 414 -3.86 6.34 -0.73
N GLY A 415 -4.65 7.41 -0.80
CA GLY A 415 -5.80 7.58 0.07
C GLY A 415 -6.96 8.13 -0.73
N TYR A 416 -8.16 7.95 -0.16
CA TYR A 416 -9.40 8.33 -0.82
C TYR A 416 -10.16 9.33 0.05
N LEU A 417 -10.70 10.38 -0.59
CA LEU A 417 -11.54 11.37 0.09
C LEU A 417 -12.96 11.20 -0.42
N PRO A 418 -13.80 10.39 0.24
CA PRO A 418 -15.17 10.21 -0.25
C PRO A 418 -15.98 11.50 -0.34
N LYS A 419 -15.71 12.50 0.51
CA LYS A 419 -16.52 13.71 0.46
C LYS A 419 -16.32 14.47 -0.85
N SER A 420 -15.09 14.51 -1.36
CA SER A 420 -14.80 15.16 -2.63
C SER A 420 -14.50 14.18 -3.77
N ASN A 421 -14.59 12.86 -3.53
CA ASN A 421 -14.36 11.84 -4.56
C ASN A 421 -12.96 11.97 -5.18
N LEU A 422 -11.96 12.23 -4.33
CA LEU A 422 -10.58 12.43 -4.79
C LEU A 422 -9.72 11.24 -4.40
N TYR A 423 -8.89 10.80 -5.35
CA TYR A 423 -7.87 9.78 -5.14
C TYR A 423 -6.54 10.51 -4.97
N VAL A 424 -5.87 10.29 -3.84
CA VAL A 424 -4.74 11.11 -3.41
C VAL A 424 -3.52 10.19 -3.34
N ILE A 425 -2.53 10.42 -4.20
CA ILE A 425 -1.42 9.48 -4.29
C ILE A 425 -0.06 10.14 -4.13
N PRO A 426 0.79 9.62 -3.24
CA PRO A 426 2.17 10.13 -3.15
C PRO A 426 3.04 9.60 -4.27
N LEU A 427 3.87 10.48 -4.86
CA LEU A 427 4.65 10.17 -6.04
C LEU A 427 6.06 10.76 -5.92
N SER A 428 6.94 10.29 -6.80
CA SER A 428 8.28 10.85 -6.93
C SER A 428 8.50 11.29 -8.36
N ASN A 429 8.94 12.54 -8.55
CA ASN A 429 9.21 13.11 -9.88
C ASN A 429 10.61 12.70 -10.34
N ALA A 430 10.78 11.41 -10.59
CA ALA A 430 12.12 10.91 -10.86
C ALA A 430 12.20 10.14 -12.18
N CYS A 431 13.41 10.15 -12.75
CA CYS A 431 13.81 9.37 -13.93
C CYS A 431 15.18 8.77 -13.66
N TYR A 432 15.58 7.79 -14.47
CA TYR A 432 16.78 7.02 -14.21
C TYR A 432 17.36 6.54 -15.53
N ASP A 433 18.69 6.46 -15.63
CA ASP A 433 19.30 5.77 -16.76
C ASP A 433 19.12 4.26 -16.61
N LEU A 434 18.41 3.66 -17.55
CA LEU A 434 18.13 2.24 -17.55
C LEU A 434 19.40 1.42 -17.80
N VAL A 453 19.87 8.42 -10.45
CA VAL A 453 18.54 8.83 -10.00
C VAL A 453 18.41 10.35 -9.99
N LYS A 454 17.48 10.87 -10.80
CA LYS A 454 17.49 12.27 -11.17
C LYS A 454 16.06 12.81 -11.24
N LEU A 455 15.94 14.12 -11.09
CA LEU A 455 14.64 14.75 -11.23
C LEU A 455 14.14 14.59 -12.67
N ALA A 456 12.83 14.44 -12.84
CA ALA A 456 12.27 14.33 -14.17
C ALA A 456 12.37 15.68 -14.89
N PRO A 457 12.32 15.69 -16.21
CA PRO A 457 12.47 16.96 -16.94
C PRO A 457 11.42 17.98 -16.50
N GLY A 458 11.90 19.19 -16.21
CA GLY A 458 11.04 20.29 -15.83
C GLY A 458 10.59 20.29 -14.39
N LYS A 459 11.07 19.36 -13.58
CA LYS A 459 10.67 19.26 -12.18
C LYS A 459 11.83 19.70 -11.29
N THR A 460 11.56 20.65 -10.40
CA THR A 460 12.48 20.99 -9.33
C THR A 460 12.18 20.25 -8.03
N ASN A 461 10.95 19.77 -7.88
CA ASN A 461 10.52 19.11 -6.65
C ASN A 461 10.46 17.61 -6.90
N MET A 462 11.17 16.86 -6.06
CA MET A 462 11.12 15.41 -6.14
C MET A 462 9.81 14.88 -5.56
N GLY A 463 9.36 15.44 -4.43
CA GLY A 463 8.20 14.91 -3.72
C GLY A 463 6.89 15.50 -4.25
N ARG A 464 5.88 14.65 -4.36
CA ARG A 464 4.66 15.03 -5.06
C ARG A 464 3.47 14.25 -4.50
N VAL A 465 2.34 14.94 -4.38
CA VAL A 465 1.05 14.30 -4.11
C VAL A 465 0.03 14.85 -5.10
N ASP A 466 -0.58 13.96 -5.88
CA ASP A 466 -1.67 14.34 -6.79
C ASP A 466 -3.02 13.93 -6.21
N ALA A 467 -4.03 14.77 -6.43
CA ALA A 467 -5.41 14.45 -6.09
C ALA A 467 -6.21 14.40 -7.37
N ILE A 468 -6.77 13.22 -7.70
CA ILE A 468 -7.43 12.98 -8.97
C ILE A 468 -8.91 12.74 -8.74
N ASP A 469 -9.74 13.43 -9.50
CA ASP A 469 -11.17 13.18 -9.51
C ASP A 469 -11.43 11.78 -10.00
N VAL A 470 -12.05 10.96 -9.15
CA VAL A 470 -12.30 9.56 -9.50
C VAL A 470 -13.39 9.45 -10.56
N ALA A 471 -14.29 10.44 -10.64
CA ALA A 471 -15.35 10.40 -11.65
C ALA A 471 -14.83 10.78 -13.04
N THR A 472 -13.94 11.77 -13.13
CA THR A 472 -13.51 12.32 -14.42
C THR A 472 -12.06 12.03 -14.77
N GLY A 473 -11.24 11.62 -13.80
CA GLY A 473 -9.82 11.48 -14.02
C GLY A 473 -9.03 12.78 -14.05
N ALA A 474 -9.67 13.93 -13.87
CA ALA A 474 -8.95 15.19 -13.86
C ALA A 474 -8.17 15.35 -12.56
N THR A 475 -6.95 15.85 -12.67
CA THR A 475 -6.15 16.17 -11.49
C THR A 475 -6.61 17.49 -10.90
N LYS A 476 -7.11 17.47 -9.66
CA LYS A 476 -7.65 18.67 -9.06
C LYS A 476 -6.60 19.49 -8.34
N TRP A 477 -5.63 18.85 -7.69
CA TRP A 477 -4.52 19.63 -7.16
C TRP A 477 -3.29 18.76 -7.08
N SER A 478 -2.14 19.42 -6.93
CA SER A 478 -0.87 18.71 -6.80
C SER A 478 0.03 19.45 -5.84
N PHE A 479 0.46 18.77 -4.78
CA PHE A 479 1.40 19.31 -3.81
C PHE A 479 2.80 18.84 -4.19
N GLU A 480 3.77 19.75 -4.10
CA GLU A 480 5.14 19.37 -4.42
C GLU A 480 6.09 20.01 -3.44
N THR A 481 7.22 19.35 -3.22
CA THR A 481 8.22 19.83 -2.27
C THR A 481 9.57 19.26 -2.69
N GLU A 482 10.64 19.93 -2.24
CA GLU A 482 11.98 19.62 -2.75
C GLU A 482 12.38 18.17 -2.46
N ALA A 483 12.17 17.73 -1.23
CA ALA A 483 12.56 16.38 -0.83
C ALA A 483 11.58 15.36 -1.39
N ALA A 484 12.08 14.16 -1.67
CA ALA A 484 11.18 13.05 -1.92
C ALA A 484 10.32 12.77 -0.69
N LEU A 485 9.09 12.30 -0.94
CA LEU A 485 8.18 11.92 0.14
C LEU A 485 8.40 10.44 0.42
N TYR A 486 7.99 9.58 -0.52
CA TYR A 486 8.22 8.16 -0.43
C TYR A 486 7.61 7.59 0.86
N ASP A 487 6.33 7.94 1.07
CA ASP A 487 5.63 7.66 2.32
C ASP A 487 4.13 7.66 2.05
N PRO A 488 3.35 6.81 2.70
CA PRO A 488 1.90 6.78 2.43
C PRO A 488 1.22 8.08 2.88
N VAL A 489 0.02 8.28 2.36
CA VAL A 489 -0.85 9.32 2.85
C VAL A 489 -1.91 8.71 3.75
N MET A 490 -2.54 9.56 4.55
CA MET A 490 -3.81 9.29 5.22
C MET A 490 -4.76 10.44 4.93
N THR A 491 -5.98 10.10 4.49
CA THR A 491 -7.03 11.06 4.25
C THR A 491 -8.01 11.08 5.42
N THR A 492 -8.61 12.24 5.69
CA THR A 492 -9.47 12.36 6.86
C THR A 492 -10.73 13.15 6.52
N ALA A 493 -11.78 12.85 7.28
CA ALA A 493 -13.03 13.59 7.22
C ALA A 493 -12.90 15.03 7.74
N GLY A 494 -11.80 15.34 8.42
CA GLY A 494 -11.52 16.72 8.79
C GLY A 494 -10.99 17.54 7.62
N ASP A 495 -11.05 16.97 6.41
CA ASP A 495 -10.60 17.59 5.16
C ASP A 495 -9.08 17.78 5.18
N LEU A 496 -8.37 16.73 5.57
CA LEU A 496 -6.92 16.76 5.70
C LEU A 496 -6.28 15.59 4.96
N VAL A 497 -5.04 15.79 4.54
CA VAL A 497 -4.20 14.73 4.01
C VAL A 497 -2.88 14.78 4.77
N PHE A 498 -2.53 13.69 5.46
CA PHE A 498 -1.25 13.56 6.15
C PHE A 498 -0.26 12.80 5.27
N VAL A 499 0.98 13.25 5.23
CA VAL A 499 2.02 12.57 4.46
C VAL A 499 3.39 12.96 5.03
N GLY A 500 4.30 11.98 5.07
CA GLY A 500 5.64 12.21 5.55
C GLY A 500 6.65 12.30 4.41
N SER A 501 7.88 12.69 4.74
CA SER A 501 8.91 12.92 3.73
C SER A 501 10.23 12.30 4.16
N THR A 502 11.11 12.10 3.17
CA THR A 502 12.42 11.54 3.44
C THR A 502 13.28 12.46 4.26
N ASP A 503 13.06 13.79 4.18
CA ASP A 503 13.78 14.71 5.07
C ASP A 503 13.01 15.02 6.34
N ARG A 504 12.21 14.06 6.82
CA ARG A 504 11.71 13.93 8.19
C ARG A 504 10.49 14.79 8.46
N MET A 505 9.94 15.47 7.46
CA MET A 505 8.78 16.33 7.67
C MET A 505 7.50 15.51 7.65
N PHE A 506 6.68 15.71 8.67
CA PHE A 506 5.34 15.14 8.76
C PHE A 506 4.37 16.27 8.56
N ARG A 507 3.58 16.19 7.50
CA ARG A 507 2.74 17.30 7.03
C ARG A 507 1.27 16.93 7.04
N ALA A 508 0.44 17.92 7.31
CA ALA A 508 -0.98 17.86 6.99
C ALA A 508 -1.23 18.86 5.87
N LEU A 509 -1.90 18.39 4.82
CA LEU A 509 -2.31 19.25 3.72
C LEU A 509 -3.81 19.49 3.81
N ASP A 510 -4.22 20.67 3.34
CA ASP A 510 -5.63 20.95 3.12
C ASP A 510 -6.13 20.07 1.98
N ALA A 511 -7.15 19.26 2.27
CA ALA A 511 -7.63 18.28 1.30
C ALA A 511 -8.31 18.93 0.10
N GLU A 512 -8.73 20.19 0.21
CA GLU A 512 -9.36 20.89 -0.88
C GLU A 512 -8.36 21.52 -1.84
N THR A 513 -7.15 21.86 -1.37
CA THR A 513 -6.19 22.60 -2.18
C THR A 513 -4.82 21.97 -2.29
N GLY A 514 -4.47 21.01 -1.45
CA GLY A 514 -3.11 20.52 -1.38
C GLY A 514 -2.14 21.37 -0.60
N LYS A 515 -2.55 22.55 -0.11
CA LYS A 515 -1.62 23.43 0.60
C LYS A 515 -1.31 22.88 1.99
N GLU A 516 -0.04 22.98 2.38
CA GLU A 516 0.36 22.59 3.73
C GLU A 516 -0.30 23.47 4.78
N VAL A 517 -0.90 22.85 5.79
CA VAL A 517 -1.52 23.56 6.89
C VAL A 517 -0.88 23.26 8.24
N TRP A 518 -0.08 22.20 8.34
CA TRP A 518 0.63 21.92 9.57
C TRP A 518 1.83 21.06 9.25
N SER A 519 2.90 21.23 10.01
CA SER A 519 4.01 20.32 9.83
C SER A 519 4.77 20.15 11.14
N THR A 520 5.44 19.02 11.26
CA THR A 520 6.42 18.81 12.30
C THR A 520 7.57 18.02 11.69
N ARG A 521 8.61 17.79 12.47
CA ARG A 521 9.77 17.09 11.95
C ARG A 521 10.21 16.07 12.97
N LEU A 522 10.39 14.83 12.53
CA LEU A 522 10.71 13.71 13.40
C LEU A 522 12.20 13.42 13.35
N PRO A 523 12.70 12.53 14.22
CA PRO A 523 14.15 12.30 14.27
C PRO A 523 14.74 11.72 12.98
N GLY A 524 13.96 10.93 12.23
CA GLY A 524 14.41 10.33 10.99
C GLY A 524 13.35 10.46 9.93
N ALA A 525 13.69 9.98 8.73
CA ALA A 525 12.77 10.04 7.59
C ALA A 525 11.41 9.47 7.97
N ILE A 526 10.34 10.11 7.52
CA ILE A 526 8.99 9.57 7.74
C ILE A 526 8.79 8.43 6.75
N SER A 527 9.01 7.20 7.19
CA SER A 527 9.10 6.06 6.29
C SER A 527 7.90 5.11 6.34
N GLY A 528 7.04 5.21 7.36
CA GLY A 528 5.95 4.29 7.53
C GLY A 528 4.57 4.93 7.38
N TYR A 529 3.55 4.16 7.76
CA TYR A 529 2.18 4.51 7.50
C TYR A 529 1.66 5.45 8.59
N THR A 530 0.60 6.17 8.23
CA THR A 530 -0.13 7.04 9.14
C THR A 530 -1.52 6.47 9.34
N THR A 531 -1.95 6.39 10.60
CA THR A 531 -3.28 5.87 10.94
C THR A 531 -3.92 6.81 11.94
N SER A 532 -5.21 6.60 12.22
CA SER A 532 -5.89 7.46 13.19
C SER A 532 -6.97 6.65 13.91
N TYR A 533 -7.20 7.02 15.17
CA TYR A 533 -8.15 6.30 16.01
C TYR A 533 -8.60 7.26 17.10
N SER A 534 -9.60 6.84 17.87
CA SER A 534 -10.19 7.69 18.90
C SER A 534 -10.27 6.94 20.22
N ILE A 535 -9.92 7.63 21.31
CA ILE A 535 -10.01 7.08 22.66
C ILE A 535 -10.49 8.21 23.56
N ASP A 536 -11.59 7.94 24.29
CA ASP A 536 -12.18 8.91 25.21
C ASP A 536 -12.42 10.25 24.52
N GLY A 537 -12.86 10.19 23.27
CA GLY A 537 -13.20 11.37 22.49
C GLY A 537 -12.02 12.11 21.91
N ARG A 538 -10.81 11.61 22.07
CA ARG A 538 -9.62 12.26 21.54
C ARG A 538 -9.16 11.52 20.30
N GLN A 539 -9.06 12.24 19.18
CA GLN A 539 -8.51 11.67 17.96
C GLN A 539 -6.99 11.69 18.02
N TYR A 540 -6.39 10.54 17.75
CA TYR A 540 -4.95 10.37 17.69
C TYR A 540 -4.55 10.15 16.24
N VAL A 541 -3.41 10.71 15.85
CA VAL A 541 -2.82 10.47 14.52
C VAL A 541 -1.44 9.86 14.75
N ALA A 542 -1.28 8.61 14.32
CA ALA A 542 -0.09 7.84 14.60
C ALA A 542 0.68 7.61 13.31
N VAL A 543 1.98 7.89 13.33
CA VAL A 543 2.83 7.69 12.16
C VAL A 543 4.06 6.92 12.59
N VAL A 544 4.48 5.98 11.76
CA VAL A 544 5.69 5.21 11.98
C VAL A 544 6.80 5.84 11.16
N ALA A 545 7.95 6.08 11.79
CA ALA A 545 9.02 6.82 11.13
C ALA A 545 10.37 6.22 11.53
N GLY A 546 11.41 6.61 10.79
CA GLY A 546 12.77 6.21 11.11
C GLY A 546 13.64 6.01 9.89
N GLY A 547 13.05 5.55 8.79
CA GLY A 547 13.84 5.35 7.58
C GLY A 547 13.56 4.01 6.93
N SER A 548 13.82 3.93 5.63
CA SER A 548 13.65 2.69 4.88
C SER A 548 14.74 2.61 3.82
N LEU A 549 14.81 1.46 3.16
CA LEU A 549 15.63 1.30 1.96
C LEU A 549 15.54 2.50 1.04
N GLY A 550 14.33 3.01 0.83
CA GLY A 550 14.14 4.14 -0.07
C GLY A 550 14.67 5.46 0.45
N THR A 551 14.94 5.56 1.75
CA THR A 551 15.45 6.83 2.25
C THR A 551 16.79 7.20 1.60
N GLY A 552 17.70 6.23 1.48
CA GLY A 552 19.04 6.53 0.97
C GLY A 552 19.09 6.84 -0.52
N PHE A 553 18.25 6.15 -1.32
CA PHE A 553 18.26 6.43 -2.76
C PHE A 553 17.87 7.87 -3.04
N PHE A 554 17.10 8.47 -2.14
CA PHE A 554 16.58 9.82 -2.31
C PHE A 554 17.37 10.87 -1.55
N LYS A 555 18.07 10.45 -0.48
CA LYS A 555 19.17 11.26 0.04
C LYS A 555 20.19 11.57 -1.07
N ALA A 556 20.37 10.66 -2.03
CA ALA A 556 21.36 10.85 -3.07
C ALA A 556 20.86 11.77 -4.18
N ALA A 557 19.61 11.63 -4.60
CA ALA A 557 19.12 12.40 -5.74
C ALA A 557 18.87 13.86 -5.40
N VAL A 558 18.50 14.13 -4.15
CA VAL A 558 18.17 15.49 -3.69
C VAL A 558 19.22 15.86 -2.64
N PRO A 559 20.39 16.36 -3.05
CA PRO A 559 21.50 16.48 -2.09
C PRO A 559 21.29 17.56 -1.06
N GLY A 560 20.35 18.47 -1.29
CA GLY A 560 20.19 19.61 -0.42
C GLY A 560 19.31 19.42 0.80
N VAL A 561 18.68 18.25 0.95
CA VAL A 561 17.75 18.04 2.07
C VAL A 561 18.38 17.08 3.07
N ASP A 562 17.97 17.24 4.33
CA ASP A 562 18.54 16.49 5.45
C ASP A 562 17.74 15.20 5.61
N ALA A 563 17.88 14.34 4.60
CA ALA A 563 17.31 13.02 4.67
C ALA A 563 18.27 12.13 5.44
N VAL A 564 17.81 11.55 6.53
CA VAL A 564 18.67 10.77 7.41
C VAL A 564 17.77 9.75 8.09
N GLN A 565 18.34 8.59 8.36
CA GLN A 565 17.63 7.51 9.03
C GLN A 565 18.03 7.45 10.50
N GLY A 566 17.11 6.99 11.32
CA GLY A 566 17.35 6.82 12.74
C GLY A 566 16.12 7.18 13.57
N GLY A 567 16.13 6.73 14.82
CA GLY A 567 14.99 6.98 15.70
C GLY A 567 13.71 6.26 15.28
N ASN A 568 13.82 5.02 14.80
CA ASN A 568 12.63 4.22 14.52
C ASN A 568 11.67 4.29 15.69
N GLY A 569 10.40 4.55 15.38
CA GLY A 569 9.44 4.73 16.42
C GLY A 569 8.05 4.96 15.85
N ILE A 570 7.08 4.76 16.72
CA ILE A 570 5.72 5.22 16.50
C ILE A 570 5.59 6.57 17.21
N TYR A 571 5.04 7.56 16.49
CA TYR A 571 4.88 8.92 16.99
C TYR A 571 3.42 9.29 16.84
N VAL A 572 2.79 9.72 17.93
CA VAL A 572 1.33 9.88 17.95
C VAL A 572 0.98 11.30 18.35
N PHE A 573 0.11 11.92 17.57
CA PHE A 573 -0.23 13.32 17.73
C PHE A 573 -1.70 13.47 18.07
N ALA A 574 -2.02 14.53 18.81
CA ALA A 574 -3.40 14.82 19.15
C ALA A 574 -3.49 16.31 19.47
N LEU A 575 -4.72 16.82 19.49
CA LEU A 575 -4.97 18.18 19.92
C LEU A 575 -4.81 18.31 21.45
N PRO A 576 -4.45 19.50 21.96
CA PRO A 576 -4.33 19.78 23.40
C PRO A 576 -5.60 19.44 24.16
#